data_5ALX
#
_entry.id   5ALX
#
_cell.length_a   92.663
_cell.length_b   92.663
_cell.length_c   244.782
_cell.angle_alpha   90.00
_cell.angle_beta   90.00
_cell.angle_gamma   120.00
#
_symmetry.space_group_name_H-M   'P 65 2 2'
#
loop_
_entity.id
_entity.type
_entity.pdbx_description
1 polymer 'BIFUNCTIONAL EPOXIDE HYDROLASE 2'
2 non-polymer 'SULFATE ION'
3 non-polymer 'DIMETHYL SULFOXIDE'
4 non-polymer 5-(3-ethylsulfanylphenyl)thiophene-2-carboxamide
5 water water
#
_entity_poly.entity_id   1
_entity_poly.type   'polypeptide(L)'
_entity_poly.pdbx_seq_one_letter_code
;GMTLRAAVFDLDGVLALPAVFGVLGRTEEALALPRGLLNDAFQKGGPEGATTRLMKGEITLSQWIPLMEENCRKCSETAK
VCLPKNFSIKEIFDKAISARKINRPMLQAALMLRKKGFTTAILTNTWLDDRAERDGLAQLMCELKMHFDFLIESCQVGMV
KPEPQIYKFLLDTLKASPSEVVFLDDIGANLKPARDLGMVTILVQDTDTALKELEKVTGIQLLNTPAPLPTSCNPSDMSH
GYVTVKPRVRLHFVELGSGPAVCLCHGFPESWYSWRYQIPALAQAGYRVLAMDMKGYGESSAPPEIEEYCMEVLCKEMVT
FLDKLGLSQAVFIGHDWGGMLVWYMALFYPERVRAVASLNTPFIPANPNMSPLESIKANPVFDYQLYFQEPGVAEAELEQ
NLSRTFKSLFRASDESVLSMHKVCEAGGLFVNSPEEPSLSRMVTEEEIQFYVQQFKKSGFRGPLNWYRNMERNWKWACKS
LGRKILIPALMVTAEKDFVLVPQMSQHMEDWIPHLKRGHIEDCGHWTQMDKPTEVNQILIKWLDSDARN
;
_entity_poly.pdbx_strand_id   A
#
loop_
_chem_comp.id
_chem_comp.type
_chem_comp.name
_chem_comp.formula
DMS non-polymer 'DIMETHYL SULFOXIDE' 'C2 H6 O S'
DUL non-polymer 5-(3-ethylsulfanylphenyl)thiophene-2-carboxamide 'C13 H13 N O S2'
SO4 non-polymer 'SULFATE ION' 'O4 S -2'
#
# COMPACT_ATOMS: atom_id res chain seq x y z
N THR A 3 34.03 4.92 -0.96
CA THR A 3 32.71 4.94 -1.60
C THR A 3 31.66 4.25 -0.75
N LEU A 4 30.60 4.99 -0.39
CA LEU A 4 29.50 4.47 0.40
C LEU A 4 28.59 3.58 -0.41
N ARG A 5 28.07 2.56 0.26
CA ARG A 5 27.09 1.65 -0.32
C ARG A 5 26.09 1.16 0.72
N ALA A 6 26.20 1.67 1.97
CA ALA A 6 25.30 1.30 3.06
C ALA A 6 24.99 2.50 3.98
N ALA A 7 23.71 2.65 4.35
CA ALA A 7 23.26 3.71 5.26
C ALA A 7 22.47 3.11 6.41
N VAL A 8 22.85 3.48 7.64
CA VAL A 8 22.27 2.99 8.89
C VAL A 8 21.63 4.14 9.64
N PHE A 9 20.42 3.91 10.13
CA PHE A 9 19.65 4.91 10.82
C PHE A 9 19.23 4.46 12.19
N ASP A 10 19.29 5.39 13.13
CA ASP A 10 18.80 5.18 14.48
C ASP A 10 17.28 5.33 14.36
N LEU A 11 16.53 4.83 15.34
CA LEU A 11 15.10 4.96 15.30
C LEU A 11 14.68 6.22 16.05
N ASP A 12 14.83 6.25 17.37
CA ASP A 12 14.46 7.39 18.22
C ASP A 12 15.27 8.64 17.90
N GLY A 13 14.57 9.71 17.54
CA GLY A 13 15.17 10.98 17.14
C GLY A 13 15.69 11.04 15.71
N VAL A 14 15.64 9.92 14.95
CA VAL A 14 16.12 9.88 13.58
C VAL A 14 14.99 9.43 12.64
N LEU A 15 14.50 8.17 12.76
CA LEU A 15 13.41 7.67 11.92
C LEU A 15 12.06 7.92 12.55
N ALA A 16 12.05 8.20 13.86
CA ALA A 16 10.83 8.47 14.60
C ALA A 16 10.96 9.69 15.51
N LEU A 17 9.94 10.56 15.42
CA LEU A 17 9.86 11.83 16.15
C LEU A 17 8.45 12.10 16.73
N PRO A 18 8.34 12.87 17.84
CA PRO A 18 9.42 13.42 18.68
C PRO A 18 10.14 12.32 19.45
N ALA A 19 11.49 12.44 19.60
CA ALA A 19 12.34 11.50 20.31
C ALA A 19 11.79 11.26 21.72
N VAL A 20 11.34 10.02 21.99
CA VAL A 20 10.77 9.56 23.26
C VAL A 20 11.61 10.02 24.45
N PHE A 21 12.95 10.01 24.36
CA PHE A 21 13.76 10.40 25.51
C PHE A 21 13.75 11.90 25.91
N GLY A 22 13.45 12.80 24.97
CA GLY A 22 13.31 14.23 25.25
C GLY A 22 12.03 14.55 26.01
N VAL A 23 11.32 13.48 26.44
CA VAL A 23 10.07 13.48 27.20
C VAL A 23 10.34 13.59 28.70
N LEU A 24 11.49 13.10 29.16
CA LEU A 24 11.86 13.19 30.58
C LEU A 24 12.14 14.63 31.00
N GLY A 25 12.73 15.40 30.09
CA GLY A 25 13.01 16.82 30.24
C GLY A 25 11.74 17.64 30.14
N ARG A 26 10.85 17.28 29.17
CA ARG A 26 9.54 17.91 28.98
C ARG A 26 8.65 17.69 30.20
N THR A 27 8.69 16.48 30.79
CA THR A 27 7.94 16.15 32.01
C THR A 27 8.43 16.98 33.19
N GLU A 28 9.78 17.02 33.41
CA GLU A 28 10.39 17.79 34.49
C GLU A 28 9.93 19.24 34.50
N GLU A 29 9.96 19.90 33.32
CA GLU A 29 9.53 21.29 33.13
C GLU A 29 8.05 21.52 33.42
N ALA A 30 7.16 20.71 32.79
CA ALA A 30 5.71 20.76 32.97
C ALA A 30 5.36 20.56 34.44
N LEU A 31 6.13 19.68 35.11
CA LEU A 31 5.92 19.40 36.52
C LEU A 31 6.75 20.23 37.48
N ALA A 32 7.59 21.14 36.94
CA ALA A 32 8.49 22.02 37.69
C ALA A 32 9.42 21.21 38.62
N LEU A 33 9.95 20.10 38.09
CA LEU A 33 10.86 19.26 38.86
C LEU A 33 12.29 19.73 38.64
N PRO A 34 13.20 19.50 39.62
CA PRO A 34 14.61 19.87 39.42
C PRO A 34 15.07 19.29 38.10
N ARG A 35 15.70 20.13 37.28
CA ARG A 35 16.23 19.75 35.97
C ARG A 35 17.03 18.45 36.05
N GLY A 36 16.77 17.55 35.12
CA GLY A 36 17.45 16.27 35.04
C GLY A 36 17.07 15.21 36.07
N LEU A 37 16.15 15.51 37.03
CA LEU A 37 15.73 14.54 38.06
C LEU A 37 15.28 13.20 37.45
N LEU A 38 14.29 13.26 36.53
CA LEU A 38 13.73 12.11 35.85
C LEU A 38 14.76 11.40 35.04
N ASN A 39 15.58 12.16 34.28
CA ASN A 39 16.67 11.62 33.48
C ASN A 39 17.69 10.84 34.31
N ASP A 40 18.12 11.36 35.48
CA ASP A 40 19.07 10.66 36.37
C ASP A 40 18.54 9.26 36.71
N ALA A 41 17.23 9.17 37.01
CA ALA A 41 16.52 7.92 37.35
C ALA A 41 16.50 6.94 36.17
N PHE A 42 16.42 7.46 34.92
CA PHE A 42 16.42 6.66 33.70
C PHE A 42 17.78 6.05 33.39
N GLN A 43 18.86 6.82 33.57
CA GLN A 43 20.23 6.39 33.30
C GLN A 43 20.91 5.75 34.54
N LYS A 44 20.24 5.73 35.71
CA LYS A 44 20.80 5.19 36.96
C LYS A 44 21.48 3.81 36.84
N GLY A 45 22.71 3.74 37.36
CA GLY A 45 23.56 2.56 37.37
C GLY A 45 24.27 2.27 36.05
N GLY A 46 24.04 3.13 35.05
CA GLY A 46 24.60 3.00 33.71
C GLY A 46 24.53 1.59 33.15
N PRO A 47 25.67 0.97 32.75
CA PRO A 47 25.67 -0.41 32.20
C PRO A 47 25.33 -1.52 33.19
N GLU A 48 25.02 -1.18 34.47
CA GLU A 48 24.63 -2.12 35.52
C GLU A 48 23.14 -1.97 35.79
N GLY A 49 22.65 -0.77 35.52
CA GLY A 49 21.27 -0.34 35.75
C GLY A 49 20.17 -1.09 35.04
N ALA A 50 18.94 -0.95 35.59
CA ALA A 50 17.67 -1.51 35.12
C ALA A 50 17.47 -1.20 33.62
N THR A 51 17.81 0.05 33.19
CA THR A 51 17.68 0.49 31.80
C THR A 51 18.55 -0.28 30.82
N THR A 52 19.83 -0.55 31.18
CA THR A 52 20.72 -1.34 30.31
C THR A 52 20.22 -2.78 30.18
N ARG A 53 19.66 -3.35 31.27
CA ARG A 53 19.10 -4.70 31.30
C ARG A 53 17.91 -4.78 30.37
N LEU A 54 17.05 -3.75 30.41
CA LEU A 54 15.89 -3.59 29.55
C LEU A 54 16.32 -3.55 28.08
N MET A 55 17.29 -2.69 27.75
CA MET A 55 17.80 -2.50 26.40
C MET A 55 18.53 -3.73 25.84
N LYS A 56 19.08 -4.59 26.71
CA LYS A 56 19.76 -5.82 26.29
C LYS A 56 18.79 -7.01 26.17
N GLY A 57 17.57 -6.84 26.66
CA GLY A 57 16.53 -7.85 26.59
C GLY A 57 16.49 -8.80 27.77
N GLU A 58 17.19 -8.46 28.87
CA GLU A 58 17.23 -9.29 30.08
C GLU A 58 15.90 -9.26 30.76
N ILE A 59 15.22 -8.12 30.63
CA ILE A 59 13.92 -7.86 31.22
C ILE A 59 13.01 -7.15 30.21
N THR A 60 11.70 -7.26 30.45
CA THR A 60 10.67 -6.64 29.64
C THR A 60 10.34 -5.26 30.22
N LEU A 61 9.69 -4.42 29.41
CA LEU A 61 9.26 -3.08 29.78
C LEU A 61 8.37 -3.04 31.02
N SER A 62 7.41 -3.99 31.13
CA SER A 62 6.52 -4.11 32.30
C SER A 62 7.28 -4.44 33.58
N GLN A 63 8.38 -5.20 33.51
CA GLN A 63 9.25 -5.52 34.65
C GLN A 63 10.11 -4.29 34.99
N TRP A 64 10.46 -3.50 33.97
CA TRP A 64 11.31 -2.32 34.08
C TRP A 64 10.64 -1.12 34.75
N ILE A 65 9.37 -0.83 34.40
CA ILE A 65 8.59 0.27 34.95
C ILE A 65 8.70 0.41 36.48
N PRO A 66 8.49 -0.65 37.32
CA PRO A 66 8.61 -0.50 38.78
C PRO A 66 10.03 -0.16 39.21
N LEU A 67 11.05 -0.70 38.51
CA LEU A 67 12.47 -0.42 38.79
C LEU A 67 12.85 1.04 38.53
N MET A 68 12.28 1.62 37.45
CA MET A 68 12.47 3.00 37.05
C MET A 68 11.78 3.94 38.05
N GLU A 69 10.54 3.61 38.50
CA GLU A 69 9.88 4.48 39.48
C GLU A 69 10.53 4.41 40.83
N GLU A 70 11.16 3.28 41.13
CA GLU A 70 11.92 3.11 42.34
C GLU A 70 13.15 4.03 42.27
N ASN A 71 13.87 4.01 41.12
CA ASN A 71 15.00 4.89 40.80
C ASN A 71 14.56 6.37 40.92
N CYS A 72 13.24 6.62 40.77
CA CYS A 72 12.67 7.94 40.89
C CYS A 72 12.55 8.41 42.33
N ARG A 73 12.15 7.52 43.28
CA ARG A 73 12.07 7.89 44.70
C ARG A 73 13.47 8.35 45.16
N LYS A 74 14.50 7.49 44.97
CA LYS A 74 15.91 7.73 45.32
C LYS A 74 16.53 9.02 44.79
N CYS A 75 16.25 9.40 43.51
CA CYS A 75 16.74 10.65 42.93
C CYS A 75 16.14 11.88 43.64
N SER A 76 14.88 11.73 44.13
CA SER A 76 14.14 12.75 44.89
C SER A 76 14.72 12.93 46.29
N GLU A 77 15.01 11.81 47.00
CA GLU A 77 15.60 11.77 48.35
C GLU A 77 16.76 12.77 48.43
N THR A 78 17.70 12.64 47.49
CA THR A 78 18.90 13.45 47.34
C THR A 78 18.71 14.83 46.65
N ALA A 79 17.49 15.12 46.13
CA ALA A 79 17.17 16.40 45.49
C ALA A 79 16.33 17.33 46.39
N LYS A 80 15.59 16.75 47.38
CA LYS A 80 14.78 17.42 48.43
C LYS A 80 13.28 17.71 48.14
N VAL A 81 12.84 17.48 46.91
CA VAL A 81 11.47 17.69 46.45
C VAL A 81 10.74 16.35 46.38
N CYS A 82 9.42 16.38 46.52
CA CYS A 82 8.64 15.15 46.53
C CYS A 82 7.64 15.02 45.43
N LEU A 83 7.92 14.08 44.50
CA LEU A 83 7.08 13.74 43.35
C LEU A 83 5.60 13.57 43.74
N PRO A 84 4.65 14.02 42.89
CA PRO A 84 3.21 13.98 43.21
C PRO A 84 2.65 12.59 43.48
N LYS A 85 1.31 12.53 43.67
CA LYS A 85 0.54 11.29 43.97
C LYS A 85 -0.14 10.60 42.74
N ASN A 86 -0.05 11.23 41.57
CA ASN A 86 -0.64 10.77 40.30
C ASN A 86 0.47 10.69 39.25
N PHE A 87 1.73 10.76 39.74
CA PHE A 87 2.90 10.66 38.90
C PHE A 87 3.00 9.21 38.47
N SER A 88 2.88 8.97 37.17
CA SER A 88 2.96 7.61 36.68
C SER A 88 3.97 7.49 35.57
N ILE A 89 5.02 6.66 35.79
CA ILE A 89 6.06 6.36 34.81
C ILE A 89 5.39 5.79 33.58
N LYS A 90 4.48 4.83 33.79
CA LYS A 90 3.70 4.18 32.76
C LYS A 90 2.90 5.19 31.94
N GLU A 91 2.11 6.07 32.59
CA GLU A 91 1.32 7.12 31.91
C GLU A 91 2.21 8.02 31.05
N ILE A 92 3.41 8.37 31.55
CA ILE A 92 4.38 9.21 30.84
C ILE A 92 4.93 8.52 29.58
N PHE A 93 5.40 7.27 29.73
CA PHE A 93 5.94 6.52 28.62
C PHE A 93 4.88 6.11 27.62
N ASP A 94 3.64 5.80 28.09
CA ASP A 94 2.50 5.49 27.23
C ASP A 94 2.23 6.61 26.25
N LYS A 95 2.26 7.88 26.73
CA LYS A 95 2.03 9.09 25.92
C LYS A 95 3.17 9.33 24.95
N ALA A 96 4.44 9.26 25.44
CA ALA A 96 5.66 9.45 24.66
C ALA A 96 5.72 8.51 23.45
N ILE A 97 5.49 7.18 23.65
CA ILE A 97 5.50 6.12 22.60
C ILE A 97 4.42 6.43 21.58
N SER A 98 3.22 6.73 22.08
CA SER A 98 2.01 7.05 21.34
C SER A 98 2.17 8.30 20.48
N ALA A 99 2.86 9.34 21.00
CA ALA A 99 3.04 10.61 20.28
C ALA A 99 4.12 10.52 19.21
N ARG A 100 5.05 9.56 19.36
CA ARG A 100 6.15 9.36 18.43
C ARG A 100 5.66 8.73 17.14
N LYS A 101 5.95 9.41 16.04
CA LYS A 101 5.52 9.02 14.70
C LYS A 101 6.75 8.93 13.82
N ILE A 102 6.57 8.31 12.64
CA ILE A 102 7.63 8.22 11.64
C ILE A 102 7.98 9.61 11.17
N ASN A 103 9.29 9.83 11.07
CA ASN A 103 9.86 11.03 10.52
C ASN A 103 9.87 10.78 8.99
N ARG A 104 8.73 11.08 8.33
CA ARG A 104 8.53 10.86 6.88
C ARG A 104 9.68 11.31 5.98
N PRO A 105 10.23 12.56 6.09
CA PRO A 105 11.36 12.95 5.22
C PRO A 105 12.60 12.09 5.43
N MET A 106 12.88 11.63 6.68
CA MET A 106 14.02 10.77 6.96
C MET A 106 13.82 9.41 6.26
N LEU A 107 12.59 8.85 6.36
CA LEU A 107 12.23 7.59 5.71
C LEU A 107 12.34 7.70 4.19
N GLN A 108 11.87 8.84 3.60
CA GLN A 108 11.99 9.08 2.15
C GLN A 108 13.45 9.06 1.70
N ALA A 109 14.35 9.71 2.46
CA ALA A 109 15.80 9.75 2.19
C ALA A 109 16.38 8.32 2.18
N ALA A 110 16.03 7.50 3.19
CA ALA A 110 16.41 6.07 3.30
C ALA A 110 15.88 5.28 2.10
N LEU A 111 14.63 5.56 1.66
CA LEU A 111 14.01 4.91 0.51
C LEU A 111 14.72 5.25 -0.77
N MET A 112 15.09 6.53 -0.96
CA MET A 112 15.82 7.01 -2.13
C MET A 112 17.20 6.37 -2.19
N LEU A 113 17.92 6.28 -1.05
CA LEU A 113 19.25 5.65 -1.02
C LEU A 113 19.17 4.19 -1.42
N ARG A 114 18.18 3.45 -0.88
CA ARG A 114 17.95 2.04 -1.19
C ARG A 114 17.62 1.83 -2.67
N LYS A 115 16.87 2.76 -3.27
CA LYS A 115 16.51 2.74 -4.69
C LYS A 115 17.74 2.86 -5.59
N LYS A 116 18.77 3.57 -5.10
CA LYS A 116 20.04 3.77 -5.78
C LYS A 116 21.04 2.60 -5.58
N GLY A 117 20.58 1.51 -4.96
CA GLY A 117 21.42 0.34 -4.74
C GLY A 117 22.10 0.29 -3.39
N PHE A 118 21.70 1.18 -2.45
CA PHE A 118 22.25 1.19 -1.11
C PHE A 118 21.63 0.07 -0.30
N THR A 119 22.42 -0.47 0.66
CA THR A 119 21.94 -1.44 1.63
C THR A 119 21.58 -0.58 2.82
N THR A 120 20.35 -0.69 3.33
CA THR A 120 19.92 0.16 4.43
C THR A 120 19.59 -0.64 5.68
N ALA A 121 19.76 -0.02 6.85
CA ALA A 121 19.43 -0.70 8.09
C ALA A 121 19.05 0.24 9.19
N ILE A 122 18.33 -0.29 10.17
CA ILE A 122 17.94 0.41 11.37
C ILE A 122 18.73 -0.23 12.51
N LEU A 123 19.45 0.61 13.27
CA LEU A 123 20.18 0.15 14.43
C LEU A 123 19.63 0.93 15.62
N THR A 124 18.99 0.22 16.54
CA THR A 124 18.30 0.87 17.64
C THR A 124 18.40 0.16 18.97
N ASN A 125 18.44 0.97 20.03
CA ASN A 125 18.41 0.54 21.40
C ASN A 125 16.94 0.58 21.75
N THR A 126 16.35 -0.60 21.87
CA THR A 126 14.94 -0.74 22.14
C THR A 126 14.72 -1.82 23.17
N TRP A 127 13.47 -2.02 23.53
CA TRP A 127 13.04 -2.92 24.58
C TRP A 127 12.02 -3.96 24.07
N LEU A 128 11.76 -4.96 24.92
CA LEU A 128 10.74 -5.98 24.70
C LEU A 128 9.50 -5.43 25.38
N ASP A 129 8.59 -4.95 24.55
CA ASP A 129 7.37 -4.28 24.95
C ASP A 129 6.22 -5.25 25.14
N ASP A 130 5.81 -5.42 26.40
CA ASP A 130 4.73 -6.30 26.81
C ASP A 130 3.60 -5.50 27.43
N ARG A 131 3.55 -4.17 27.16
CA ARG A 131 2.50 -3.28 27.67
C ARG A 131 1.19 -3.65 27.00
N ALA A 132 0.06 -3.39 27.67
CA ALA A 132 -1.27 -3.65 27.13
C ALA A 132 -1.49 -2.83 25.84
N GLU A 133 -0.76 -1.69 25.69
CA GLU A 133 -0.79 -0.74 24.58
C GLU A 133 0.37 -0.97 23.55
N ARG A 134 1.12 -2.11 23.65
CA ARG A 134 2.25 -2.47 22.79
C ARG A 134 1.97 -2.51 21.27
N ASP A 135 0.71 -2.67 20.85
CA ASP A 135 0.35 -2.75 19.42
C ASP A 135 0.68 -1.50 18.59
N GLY A 136 0.51 -0.31 19.17
CA GLY A 136 0.81 0.96 18.51
C GLY A 136 2.22 0.99 17.98
N LEU A 137 3.19 0.65 18.83
CA LEU A 137 4.60 0.56 18.45
C LEU A 137 4.88 -0.64 17.51
N ALA A 138 4.20 -1.81 17.72
CA ALA A 138 4.35 -2.98 16.86
C ALA A 138 3.96 -2.59 15.42
N GLN A 139 2.87 -1.81 15.26
CA GLN A 139 2.39 -1.28 13.97
C GLN A 139 3.42 -0.35 13.31
N LEU A 140 4.04 0.54 14.12
CA LEU A 140 5.04 1.50 13.64
C LEU A 140 6.28 0.81 13.13
N MET A 141 6.81 -0.16 13.92
CA MET A 141 7.99 -0.93 13.57
C MET A 141 7.73 -1.74 12.30
N CYS A 142 6.50 -2.29 12.16
CA CYS A 142 6.05 -3.02 10.99
C CYS A 142 6.10 -2.21 9.74
N GLU A 143 5.57 -0.99 9.81
CA GLU A 143 5.55 -0.05 8.70
C GLU A 143 6.95 0.35 8.28
N LEU A 144 7.75 0.77 9.26
CA LEU A 144 9.13 1.19 9.06
C LEU A 144 10.05 0.12 8.49
N LYS A 145 10.12 -1.06 9.15
CA LYS A 145 11.04 -2.15 8.79
C LYS A 145 11.01 -2.71 7.40
N MET A 146 9.81 -2.77 6.74
N MET A 146 9.83 -2.79 6.77
CA MET A 146 9.60 -3.28 5.38
CA MET A 146 9.71 -3.36 5.42
C MET A 146 10.44 -2.55 4.34
C MET A 146 10.40 -2.55 4.32
N HIS A 147 10.81 -1.30 4.66
CA HIS A 147 11.57 -0.41 3.79
C HIS A 147 13.08 -0.54 3.95
N PHE A 148 13.54 -1.43 4.86
CA PHE A 148 14.95 -1.62 5.14
C PHE A 148 15.41 -3.07 4.91
N ASP A 149 16.71 -3.23 4.67
CA ASP A 149 17.32 -4.54 4.48
C ASP A 149 17.48 -5.25 5.83
N PHE A 150 17.75 -4.49 6.91
CA PHE A 150 17.95 -5.05 8.24
C PHE A 150 17.38 -4.19 9.35
N LEU A 151 16.93 -4.86 10.41
CA LEU A 151 16.48 -4.23 11.63
C LEU A 151 17.24 -4.89 12.76
N ILE A 152 18.14 -4.12 13.38
CA ILE A 152 18.96 -4.60 14.47
C ILE A 152 18.48 -3.91 15.72
N GLU A 153 17.85 -4.69 16.60
CA GLU A 153 17.31 -4.25 17.86
C GLU A 153 18.17 -4.77 18.99
N SER A 154 18.61 -3.85 19.85
CA SER A 154 19.48 -4.14 20.98
C SER A 154 18.97 -5.30 21.87
N CYS A 155 17.68 -5.27 22.27
CA CYS A 155 17.00 -6.27 23.12
C CYS A 155 16.94 -7.68 22.48
N GLN A 156 17.11 -7.75 21.17
CA GLN A 156 17.11 -9.00 20.46
C GLN A 156 18.53 -9.54 20.24
N VAL A 157 19.53 -8.64 20.15
CA VAL A 157 20.93 -9.04 19.97
C VAL A 157 21.73 -9.13 21.29
N GLY A 158 21.14 -8.64 22.38
CA GLY A 158 21.74 -8.64 23.71
C GLY A 158 22.90 -7.70 23.89
N MET A 159 23.07 -6.74 22.95
CA MET A 159 24.15 -5.72 22.95
C MET A 159 23.48 -4.40 22.72
N VAL A 160 24.15 -3.30 23.08
CA VAL A 160 23.57 -1.97 22.95
C VAL A 160 24.56 -0.97 22.42
N LYS A 161 24.04 0.14 21.85
CA LYS A 161 24.86 1.28 21.48
C LYS A 161 25.06 1.95 22.84
N PRO A 162 26.29 2.33 23.25
CA PRO A 162 27.52 2.47 22.44
C PRO A 162 28.58 1.36 22.53
N GLU A 163 28.25 0.15 23.06
CA GLU A 163 29.24 -0.93 23.15
C GLU A 163 29.78 -1.28 21.77
N PRO A 164 31.11 -1.33 21.60
CA PRO A 164 31.71 -1.56 20.27
C PRO A 164 31.36 -2.87 19.56
N GLN A 165 30.83 -3.88 20.30
CA GLN A 165 30.46 -5.18 19.76
C GLN A 165 29.25 -5.12 18.82
N ILE A 166 28.24 -4.26 19.14
CA ILE A 166 27.07 -4.05 18.29
C ILE A 166 27.49 -3.50 16.91
N TYR A 167 28.56 -2.65 16.90
CA TYR A 167 29.11 -2.02 15.70
C TYR A 167 29.77 -3.03 14.81
N LYS A 168 30.55 -3.98 15.41
CA LYS A 168 31.21 -5.06 14.68
C LYS A 168 30.12 -6.01 14.14
N PHE A 169 29.03 -6.19 14.94
CA PHE A 169 27.84 -6.96 14.58
C PHE A 169 27.16 -6.31 13.38
N LEU A 170 27.01 -4.97 13.41
CA LEU A 170 26.40 -4.20 12.33
C LEU A 170 27.13 -4.39 11.01
N LEU A 171 28.48 -4.26 11.03
CA LEU A 171 29.33 -4.41 9.87
C LEU A 171 29.28 -5.78 9.25
N ASP A 172 29.24 -6.81 10.12
CA ASP A 172 29.15 -8.20 9.73
C ASP A 172 27.79 -8.47 9.07
N THR A 173 26.69 -7.94 9.66
CA THR A 173 25.34 -8.03 9.10
C THR A 173 25.31 -7.40 7.70
N LEU A 174 25.94 -6.22 7.57
CA LEU A 174 26.03 -5.48 6.32
C LEU A 174 26.95 -6.09 5.27
N LYS A 175 27.94 -6.95 5.67
CA LYS A 175 28.97 -7.54 4.79
C LYS A 175 29.70 -6.38 4.08
N ALA A 176 30.08 -5.37 4.86
CA ALA A 176 30.71 -4.17 4.36
C ALA A 176 31.70 -3.63 5.36
N SER A 177 32.76 -3.01 4.87
CA SER A 177 33.76 -2.39 5.73
C SER A 177 33.27 -1.00 6.18
N PRO A 178 33.70 -0.52 7.38
CA PRO A 178 33.24 0.78 7.91
C PRO A 178 33.21 1.96 6.93
N SER A 179 34.28 2.14 6.14
CA SER A 179 34.40 3.22 5.17
C SER A 179 33.26 3.20 4.11
N GLU A 180 32.56 2.05 3.92
CA GLU A 180 31.43 1.93 3.00
C GLU A 180 30.08 2.28 3.71
N VAL A 181 30.14 2.74 4.97
CA VAL A 181 28.94 2.99 5.77
C VAL A 181 28.76 4.40 6.37
N VAL A 182 27.52 4.93 6.19
CA VAL A 182 27.07 6.18 6.79
C VAL A 182 26.20 5.75 7.97
N PHE A 183 26.39 6.41 9.08
CA PHE A 183 25.66 6.09 10.28
C PHE A 183 25.05 7.38 10.83
N LEU A 184 23.73 7.38 11.04
CA LEU A 184 23.01 8.55 11.57
C LEU A 184 22.42 8.23 12.91
N ASP A 185 22.67 9.12 13.86
CA ASP A 185 22.21 8.99 15.24
C ASP A 185 22.05 10.39 15.83
N ASP A 186 21.18 10.53 16.84
CA ASP A 186 20.94 11.80 17.50
C ASP A 186 21.75 11.89 18.82
N ILE A 187 22.51 10.83 19.14
CA ILE A 187 23.33 10.77 20.34
C ILE A 187 24.78 10.60 19.93
N GLY A 188 25.55 11.69 20.12
CA GLY A 188 26.97 11.77 19.79
C GLY A 188 27.79 10.65 20.37
N ALA A 189 27.48 10.23 21.62
CA ALA A 189 28.12 9.10 22.32
C ALA A 189 28.01 7.78 21.50
N ASN A 190 26.87 7.56 20.83
CA ASN A 190 26.63 6.37 19.98
C ASN A 190 27.29 6.47 18.60
N LEU A 191 27.67 7.69 18.22
CA LEU A 191 28.28 7.99 16.94
C LEU A 191 29.78 7.72 16.94
N LYS A 192 30.47 8.11 18.03
CA LYS A 192 31.90 7.94 18.27
C LYS A 192 32.48 6.56 17.86
N PRO A 193 31.95 5.39 18.34
CA PRO A 193 32.53 4.09 17.93
C PRO A 193 32.48 3.82 16.44
N ALA A 194 31.38 4.24 15.77
CA ALA A 194 31.20 4.10 14.32
C ALA A 194 32.33 4.88 13.64
N ARG A 195 32.64 6.10 14.15
CA ARG A 195 33.73 6.93 13.65
C ARG A 195 35.07 6.28 13.86
N ASP A 196 35.40 5.84 15.12
CA ASP A 196 36.63 5.11 15.49
C ASP A 196 36.94 3.98 14.54
N LEU A 197 35.90 3.43 13.90
CA LEU A 197 36.04 2.38 12.90
C LEU A 197 36.25 2.90 11.47
N GLY A 198 36.00 4.18 11.24
CA GLY A 198 36.14 4.81 9.93
C GLY A 198 34.82 5.01 9.23
N MET A 199 33.69 4.76 9.96
CA MET A 199 32.35 4.94 9.40
C MET A 199 32.06 6.42 9.34
N VAL A 200 31.36 6.83 8.27
CA VAL A 200 30.89 8.20 8.10
C VAL A 200 29.76 8.31 9.10
N THR A 201 29.70 9.42 9.80
CA THR A 201 28.70 9.63 10.81
C THR A 201 28.02 10.96 10.59
N ILE A 202 26.82 11.08 11.14
CA ILE A 202 26.01 12.28 11.06
C ILE A 202 25.29 12.43 12.38
N LEU A 203 25.58 13.54 13.08
CA LEU A 203 24.85 13.84 14.29
C LEU A 203 23.58 14.50 13.82
N VAL A 204 22.45 13.87 14.20
CA VAL A 204 21.13 14.28 13.79
C VAL A 204 20.46 15.17 14.83
N GLN A 205 20.22 16.42 14.47
CA GLN A 205 19.50 17.35 15.32
C GLN A 205 18.22 17.61 14.56
N ASP A 206 18.19 18.67 13.75
CA ASP A 206 17.05 18.94 12.88
C ASP A 206 17.26 18.06 11.64
N THR A 207 16.15 17.52 11.11
CA THR A 207 16.14 16.62 9.96
C THR A 207 16.81 17.21 8.71
N ASP A 208 16.37 18.41 8.26
CA ASP A 208 16.91 19.09 7.06
C ASP A 208 18.41 19.13 6.99
N THR A 209 19.08 19.57 8.09
CA THR A 209 20.55 19.64 8.17
C THR A 209 21.17 18.25 8.06
N ALA A 210 20.62 17.25 8.80
CA ALA A 210 21.09 15.86 8.77
C ALA A 210 21.01 15.34 7.35
N LEU A 211 19.92 15.69 6.63
CA LEU A 211 19.73 15.34 5.24
C LEU A 211 20.66 16.09 4.29
N LYS A 212 21.04 17.36 4.63
CA LYS A 212 21.98 18.17 3.84
C LYS A 212 23.34 17.48 3.89
N GLU A 213 23.73 17.04 5.10
CA GLU A 213 24.97 16.29 5.36
C GLU A 213 24.96 14.97 4.61
N LEU A 214 23.83 14.23 4.68
CA LEU A 214 23.66 12.94 4.01
C LEU A 214 23.78 13.01 2.49
N GLU A 215 23.23 14.06 1.90
CA GLU A 215 23.23 14.31 0.46
C GLU A 215 24.67 14.54 -0.05
N LYS A 216 25.42 15.39 0.69
CA LYS A 216 26.80 15.76 0.44
C LYS A 216 27.70 14.55 0.38
N VAL A 217 27.63 13.72 1.43
CA VAL A 217 28.44 12.52 1.56
C VAL A 217 28.10 11.38 0.59
N THR A 218 26.83 11.29 0.13
CA THR A 218 26.42 10.23 -0.81
C THR A 218 26.45 10.65 -2.28
N GLY A 219 26.32 11.95 -2.54
CA GLY A 219 26.24 12.50 -3.89
C GLY A 219 24.88 12.22 -4.53
N ILE A 220 23.90 11.83 -3.70
CA ILE A 220 22.54 11.54 -4.13
C ILE A 220 21.63 12.62 -3.57
N GLN A 221 20.79 13.19 -4.43
CA GLN A 221 19.83 14.21 -4.09
C GLN A 221 18.73 13.61 -3.20
N LEU A 222 18.57 14.16 -1.98
CA LEU A 222 17.62 13.67 -1.00
C LEU A 222 16.66 14.75 -0.53
N LEU A 223 17.10 15.99 -0.55
CA LEU A 223 16.27 17.12 -0.15
C LEU A 223 15.66 17.75 -1.38
N ASN A 224 14.42 18.24 -1.26
CA ASN A 224 13.69 18.94 -2.32
C ASN A 224 13.46 18.08 -3.55
N THR A 225 13.42 16.76 -3.40
CA THR A 225 13.16 15.87 -4.53
C THR A 225 11.66 15.86 -4.86
N PRO A 226 11.27 15.38 -6.06
CA PRO A 226 9.83 15.29 -6.37
C PRO A 226 9.09 14.33 -5.44
N ALA A 227 7.76 14.48 -5.39
CA ALA A 227 6.87 13.67 -4.58
C ALA A 227 7.04 12.20 -5.02
N PRO A 228 7.40 11.33 -4.07
CA PRO A 228 7.64 9.92 -4.43
C PRO A 228 6.34 9.18 -4.71
N LEU A 229 6.47 8.03 -5.37
CA LEU A 229 5.28 7.21 -5.64
C LEU A 229 4.93 6.47 -4.36
N PRO A 230 3.63 6.10 -4.16
CA PRO A 230 3.27 5.28 -2.99
C PRO A 230 4.04 3.96 -3.07
N THR A 231 4.20 3.25 -1.95
CA THR A 231 4.87 1.93 -1.88
C THR A 231 4.13 0.97 -2.81
N SER A 232 4.90 0.21 -3.60
CA SER A 232 4.39 -0.78 -4.52
C SER A 232 4.45 -2.19 -3.90
N CYS A 233 4.19 -3.24 -4.70
CA CYS A 233 4.19 -4.63 -4.25
C CYS A 233 5.25 -5.42 -4.99
N ASN A 234 5.99 -6.25 -4.26
CA ASN A 234 6.87 -7.20 -4.89
C ASN A 234 6.10 -8.53 -4.82
N PRO A 235 5.63 -9.06 -5.98
CA PRO A 235 4.81 -10.30 -5.98
C PRO A 235 5.25 -11.47 -5.09
N SER A 236 6.56 -11.73 -4.98
CA SER A 236 7.10 -12.85 -4.19
C SER A 236 7.13 -12.61 -2.68
N ASP A 237 6.82 -11.38 -2.23
CA ASP A 237 6.80 -11.00 -0.81
C ASP A 237 5.38 -10.96 -0.27
N MET A 238 4.42 -11.32 -1.12
CA MET A 238 3.00 -11.25 -0.74
C MET A 238 2.48 -12.60 -0.26
N SER A 239 1.36 -12.53 0.50
CA SER A 239 0.62 -13.72 0.89
C SER A 239 -0.34 -13.96 -0.28
N HIS A 240 -0.25 -15.15 -0.90
CA HIS A 240 -1.06 -15.59 -2.04
C HIS A 240 -2.12 -16.56 -1.55
N GLY A 241 -3.38 -16.24 -1.85
CA GLY A 241 -4.53 -17.03 -1.44
C GLY A 241 -5.23 -17.69 -2.59
N TYR A 242 -5.81 -18.90 -2.35
CA TYR A 242 -6.47 -19.73 -3.36
C TYR A 242 -7.73 -20.36 -2.80
N VAL A 243 -8.88 -20.07 -3.45
CA VAL A 243 -10.19 -20.57 -3.05
C VAL A 243 -10.87 -21.23 -4.25
N THR A 244 -11.25 -22.52 -4.10
CA THR A 244 -12.01 -23.23 -5.12
C THR A 244 -13.48 -22.82 -4.92
N VAL A 245 -14.04 -22.13 -5.91
CA VAL A 245 -15.43 -21.65 -5.84
C VAL A 245 -16.42 -22.61 -6.45
N LYS A 246 -15.90 -23.55 -7.24
CA LYS A 246 -16.64 -24.64 -7.88
C LYS A 246 -15.64 -25.63 -8.51
N PRO A 247 -16.05 -26.90 -8.79
CA PRO A 247 -15.12 -27.86 -9.40
C PRO A 247 -14.46 -27.17 -10.58
N ARG A 248 -13.11 -27.22 -10.65
CA ARG A 248 -12.32 -26.59 -11.71
C ARG A 248 -12.35 -25.04 -11.83
N VAL A 249 -12.95 -24.33 -10.85
CA VAL A 249 -12.88 -22.86 -10.81
C VAL A 249 -12.27 -22.46 -9.50
N ARG A 250 -11.01 -22.04 -9.58
CA ARG A 250 -10.33 -21.56 -8.41
C ARG A 250 -10.00 -20.07 -8.58
N LEU A 251 -10.13 -19.29 -7.48
CA LEU A 251 -9.78 -17.88 -7.50
C LEU A 251 -8.57 -17.59 -6.65
N HIS A 252 -7.63 -16.86 -7.25
CA HIS A 252 -6.40 -16.42 -6.61
C HIS A 252 -6.53 -14.94 -6.20
N PHE A 253 -5.91 -14.61 -5.06
CA PHE A 253 -5.88 -13.27 -4.51
C PHE A 253 -4.60 -13.06 -3.71
N VAL A 254 -4.22 -11.80 -3.60
CA VAL A 254 -3.09 -11.36 -2.78
C VAL A 254 -3.76 -10.69 -1.58
N GLU A 255 -3.22 -10.96 -0.39
CA GLU A 255 -3.82 -10.49 0.85
C GLU A 255 -2.85 -9.74 1.76
N LEU A 256 -3.24 -8.53 2.17
CA LEU A 256 -2.41 -7.71 3.04
C LEU A 256 -3.22 -6.89 4.04
N GLY A 257 -2.77 -6.93 5.29
CA GLY A 257 -3.33 -6.13 6.38
C GLY A 257 -4.40 -6.81 7.21
N SER A 258 -4.87 -6.05 8.21
CA SER A 258 -5.93 -6.45 9.13
C SER A 258 -6.97 -5.36 9.20
N GLY A 259 -8.19 -5.75 9.54
CA GLY A 259 -9.34 -4.87 9.66
C GLY A 259 -10.47 -5.25 8.71
N PRO A 260 -11.36 -4.29 8.34
CA PRO A 260 -12.47 -4.64 7.44
C PRO A 260 -11.98 -5.06 6.04
N ALA A 261 -12.56 -6.15 5.51
CA ALA A 261 -12.21 -6.72 4.20
C ALA A 261 -12.55 -5.78 3.04
N VAL A 262 -11.54 -5.48 2.22
CA VAL A 262 -11.67 -4.64 1.04
C VAL A 262 -11.24 -5.50 -0.14
N CYS A 263 -12.21 -5.85 -0.96
CA CYS A 263 -11.98 -6.71 -2.13
C CYS A 263 -11.83 -5.85 -3.40
N LEU A 264 -10.61 -5.84 -3.96
CA LEU A 264 -10.23 -5.08 -5.17
C LEU A 264 -10.38 -5.94 -6.42
N CYS A 265 -11.18 -5.46 -7.38
CA CYS A 265 -11.57 -6.12 -8.61
C CYS A 265 -11.07 -5.35 -9.84
N HIS A 266 -10.02 -5.90 -10.49
CA HIS A 266 -9.41 -5.27 -11.64
C HIS A 266 -10.24 -5.36 -12.92
N GLY A 267 -9.78 -4.62 -13.92
CA GLY A 267 -10.43 -4.61 -15.21
C GLY A 267 -9.68 -5.36 -16.29
N PHE A 268 -10.02 -5.03 -17.54
CA PHE A 268 -9.46 -5.65 -18.73
C PHE A 268 -8.34 -4.88 -19.38
N PRO A 269 -7.19 -5.53 -19.72
CA PRO A 269 -6.78 -6.92 -19.44
C PRO A 269 -5.74 -6.85 -18.33
N GLU A 270 -6.19 -6.92 -17.08
CA GLU A 270 -5.27 -6.66 -15.99
C GLU A 270 -4.85 -7.82 -15.07
N SER A 271 -4.67 -7.52 -13.78
CA SER A 271 -4.13 -8.45 -12.79
C SER A 271 -4.45 -7.88 -11.41
N TRP A 272 -4.20 -8.67 -10.34
CA TRP A 272 -4.25 -8.19 -8.95
C TRP A 272 -3.22 -7.07 -8.83
N TYR A 273 -2.12 -7.18 -9.63
CA TYR A 273 -0.97 -6.30 -9.71
C TYR A 273 -1.29 -4.87 -10.15
N SER A 274 -2.42 -4.67 -10.82
CA SER A 274 -2.90 -3.34 -11.19
C SER A 274 -3.20 -2.50 -9.96
N TRP A 275 -3.37 -3.16 -8.78
CA TRP A 275 -3.64 -2.51 -7.49
C TRP A 275 -2.36 -2.41 -6.64
N ARG A 276 -1.17 -2.70 -7.23
CA ARG A 276 0.12 -2.64 -6.52
C ARG A 276 0.39 -1.41 -5.65
N TYR A 277 -0.05 -0.22 -6.08
CA TYR A 277 0.13 1.02 -5.32
C TYR A 277 -0.94 1.25 -4.25
N GLN A 278 -2.08 0.52 -4.33
CA GLN A 278 -3.18 0.66 -3.37
C GLN A 278 -3.06 -0.31 -2.21
N ILE A 279 -2.63 -1.55 -2.47
CA ILE A 279 -2.51 -2.62 -1.47
C ILE A 279 -1.72 -2.19 -0.22
N PRO A 280 -0.42 -1.76 -0.28
CA PRO A 280 0.26 -1.33 0.96
C PRO A 280 -0.43 -0.14 1.64
N ALA A 281 -0.85 0.88 0.85
CA ALA A 281 -1.54 2.07 1.38
C ALA A 281 -2.84 1.75 2.10
N LEU A 282 -3.70 0.89 1.53
CA LEU A 282 -4.97 0.52 2.16
C LEU A 282 -4.78 -0.36 3.41
N ALA A 283 -3.77 -1.26 3.41
CA ALA A 283 -3.45 -2.11 4.56
C ALA A 283 -2.93 -1.22 5.70
N GLN A 284 -2.06 -0.24 5.37
CA GLN A 284 -1.54 0.75 6.29
C GLN A 284 -2.64 1.63 6.89
N ALA A 285 -3.70 1.93 6.12
CA ALA A 285 -4.84 2.70 6.61
C ALA A 285 -5.79 1.88 7.54
N GLY A 286 -5.47 0.61 7.79
CA GLY A 286 -6.26 -0.23 8.70
C GLY A 286 -7.28 -1.14 8.03
N TYR A 287 -6.94 -1.67 6.85
CA TYR A 287 -7.84 -2.56 6.12
C TYR A 287 -7.19 -3.87 5.74
N ARG A 288 -8.03 -4.90 5.64
CA ARG A 288 -7.61 -6.22 5.18
C ARG A 288 -7.87 -6.23 3.69
N VAL A 289 -6.80 -6.10 2.90
CA VAL A 289 -6.93 -6.04 1.45
C VAL A 289 -6.90 -7.44 0.80
N LEU A 290 -7.85 -7.70 -0.11
CA LEU A 290 -7.92 -8.94 -0.88
C LEU A 290 -7.94 -8.49 -2.35
N ALA A 291 -6.76 -8.52 -2.99
CA ALA A 291 -6.60 -8.08 -4.37
C ALA A 291 -6.66 -9.31 -5.27
N MET A 292 -7.76 -9.41 -6.00
CA MET A 292 -8.09 -10.54 -6.84
C MET A 292 -7.41 -10.60 -8.16
N ASP A 293 -7.28 -11.83 -8.66
CA ASP A 293 -7.02 -12.15 -10.03
C ASP A 293 -8.43 -12.56 -10.38
N MET A 294 -9.10 -11.75 -11.20
CA MET A 294 -10.49 -12.03 -11.58
C MET A 294 -10.48 -13.29 -12.46
N LYS A 295 -11.61 -13.97 -12.54
CA LYS A 295 -11.75 -15.17 -13.36
C LYS A 295 -11.29 -14.90 -14.80
N GLY A 296 -10.46 -15.80 -15.34
CA GLY A 296 -9.91 -15.71 -16.69
C GLY A 296 -8.51 -15.15 -16.69
N TYR A 297 -8.03 -14.73 -15.49
CA TYR A 297 -6.77 -14.01 -15.29
C TYR A 297 -5.76 -14.62 -14.31
N GLY A 298 -4.49 -14.43 -14.65
CA GLY A 298 -3.32 -14.80 -13.86
C GLY A 298 -3.36 -16.21 -13.28
N GLU A 299 -3.29 -16.32 -11.93
CA GLU A 299 -3.36 -17.62 -11.25
C GLU A 299 -4.78 -18.12 -10.99
N SER A 300 -5.80 -17.34 -11.40
CA SER A 300 -7.18 -17.78 -11.28
C SER A 300 -7.49 -18.67 -12.47
N SER A 301 -8.51 -19.51 -12.33
CA SER A 301 -8.90 -20.42 -13.39
C SER A 301 -9.44 -19.62 -14.58
N ALA A 302 -9.23 -20.15 -15.78
CA ALA A 302 -9.69 -19.53 -17.02
C ALA A 302 -10.42 -20.55 -17.93
N PRO A 303 -11.69 -20.94 -17.59
CA PRO A 303 -12.43 -21.88 -18.46
C PRO A 303 -12.74 -21.25 -19.82
N PRO A 304 -12.79 -22.05 -20.91
CA PRO A 304 -12.97 -21.46 -22.26
C PRO A 304 -14.36 -20.92 -22.64
N GLU A 305 -15.44 -21.48 -22.07
CA GLU A 305 -16.83 -21.16 -22.40
C GLU A 305 -17.19 -19.71 -22.12
N ILE A 306 -17.88 -19.08 -23.07
CA ILE A 306 -18.28 -17.67 -22.97
C ILE A 306 -19.13 -17.41 -21.74
N GLU A 307 -20.19 -18.23 -21.54
CA GLU A 307 -21.16 -18.14 -20.45
C GLU A 307 -20.58 -18.23 -19.03
N GLU A 308 -19.34 -18.72 -18.91
CA GLU A 308 -18.62 -18.77 -17.63
C GLU A 308 -18.25 -17.35 -17.16
N TYR A 309 -18.35 -16.36 -18.06
CA TYR A 309 -17.98 -14.97 -17.82
C TYR A 309 -19.11 -13.97 -17.85
N CYS A 310 -20.35 -14.45 -17.75
CA CYS A 310 -21.49 -13.54 -17.67
C CYS A 310 -21.55 -13.00 -16.24
N MET A 311 -22.06 -11.76 -16.06
CA MET A 311 -22.13 -11.07 -14.76
C MET A 311 -22.76 -11.88 -13.62
N GLU A 312 -23.87 -12.60 -13.91
CA GLU A 312 -24.57 -13.47 -12.96
C GLU A 312 -23.67 -14.57 -12.38
N VAL A 313 -22.90 -15.25 -13.23
CA VAL A 313 -22.00 -16.34 -12.82
C VAL A 313 -20.84 -15.78 -12.03
N LEU A 314 -20.24 -14.67 -12.53
CA LEU A 314 -19.10 -14.01 -11.90
C LEU A 314 -19.43 -13.52 -10.48
N CYS A 315 -20.62 -12.89 -10.30
CA CYS A 315 -21.10 -12.37 -9.03
C CYS A 315 -21.37 -13.48 -8.02
N LYS A 316 -22.00 -14.58 -8.47
CA LYS A 316 -22.26 -15.76 -7.65
C LYS A 316 -20.97 -16.40 -7.16
N GLU A 317 -19.94 -16.46 -8.02
CA GLU A 317 -18.63 -17.00 -7.65
C GLU A 317 -17.92 -16.14 -6.61
N MET A 318 -18.14 -14.80 -6.65
CA MET A 318 -17.57 -13.83 -5.69
C MET A 318 -18.28 -13.96 -4.34
N VAL A 319 -19.56 -14.37 -4.34
CA VAL A 319 -20.34 -14.61 -3.13
C VAL A 319 -19.81 -15.89 -2.44
N THR A 320 -19.55 -16.97 -3.24
CA THR A 320 -18.97 -18.24 -2.78
C THR A 320 -17.58 -17.99 -2.18
N PHE A 321 -16.77 -17.13 -2.87
CA PHE A 321 -15.44 -16.72 -2.43
C PHE A 321 -15.52 -16.20 -1.00
N LEU A 322 -16.46 -15.27 -0.74
CA LEU A 322 -16.74 -14.72 0.58
C LEU A 322 -17.16 -15.82 1.56
N ASP A 323 -18.09 -16.73 1.13
CA ASP A 323 -18.60 -17.87 1.92
C ASP A 323 -17.45 -18.77 2.37
N LYS A 324 -16.59 -19.19 1.43
CA LYS A 324 -15.47 -20.07 1.71
C LYS A 324 -14.40 -19.45 2.57
N LEU A 325 -14.22 -18.12 2.50
CA LEU A 325 -13.27 -17.41 3.36
C LEU A 325 -13.85 -17.07 4.73
N GLY A 326 -15.16 -17.27 4.91
CA GLY A 326 -15.91 -16.99 6.15
C GLY A 326 -16.14 -15.51 6.33
N LEU A 327 -16.36 -14.78 5.21
CA LEU A 327 -16.56 -13.33 5.26
C LEU A 327 -18.02 -13.04 5.01
N SER A 328 -18.68 -12.42 5.99
CA SER A 328 -20.08 -12.09 5.84
C SER A 328 -20.26 -10.92 4.87
N GLN A 329 -19.27 -10.00 4.82
CA GLN A 329 -19.24 -8.85 3.91
C GLN A 329 -17.83 -8.49 3.49
N ALA A 330 -17.74 -7.62 2.48
CA ALA A 330 -16.49 -7.01 2.05
C ALA A 330 -16.85 -5.72 1.36
N VAL A 331 -15.94 -4.73 1.39
CA VAL A 331 -16.09 -3.51 0.61
C VAL A 331 -15.64 -3.96 -0.81
N PHE A 332 -16.45 -3.66 -1.83
CA PHE A 332 -16.10 -4.02 -3.19
C PHE A 332 -15.66 -2.79 -3.98
N ILE A 333 -14.39 -2.81 -4.42
CA ILE A 333 -13.80 -1.70 -5.18
C ILE A 333 -13.35 -2.24 -6.52
N GLY A 334 -13.93 -1.69 -7.57
CA GLY A 334 -13.65 -2.14 -8.91
C GLY A 334 -13.18 -1.06 -9.86
N HIS A 335 -12.58 -1.50 -10.97
CA HIS A 335 -12.11 -0.64 -12.05
C HIS A 335 -12.37 -1.34 -13.37
N ASP A 336 -12.91 -0.58 -14.35
CA ASP A 336 -13.23 -1.07 -15.68
C ASP A 336 -14.26 -2.22 -15.57
N TRP A 337 -13.92 -3.46 -16.02
CA TRP A 337 -14.83 -4.61 -15.88
C TRP A 337 -15.13 -4.99 -14.42
N GLY A 338 -14.16 -4.78 -13.54
CA GLY A 338 -14.32 -4.97 -12.09
C GLY A 338 -15.28 -3.95 -11.48
N GLY A 339 -15.30 -2.73 -12.04
CA GLY A 339 -16.21 -1.66 -11.61
C GLY A 339 -17.64 -2.01 -11.92
N MET A 340 -17.87 -2.64 -13.10
CA MET A 340 -19.17 -3.12 -13.55
C MET A 340 -19.66 -4.25 -12.64
N LEU A 341 -18.78 -5.25 -12.33
CA LEU A 341 -19.13 -6.39 -11.46
C LEU A 341 -19.60 -5.88 -10.07
N VAL A 342 -18.85 -4.92 -9.53
CA VAL A 342 -19.00 -4.28 -8.23
C VAL A 342 -20.37 -3.57 -8.07
N TRP A 343 -20.85 -2.89 -9.14
CA TRP A 343 -22.20 -2.31 -9.11
C TRP A 343 -23.25 -3.41 -9.10
N TYR A 344 -23.00 -4.52 -9.81
CA TYR A 344 -23.94 -5.64 -9.86
C TYR A 344 -23.99 -6.46 -8.57
N MET A 345 -22.85 -6.51 -7.85
CA MET A 345 -22.73 -7.13 -6.53
C MET A 345 -23.60 -6.31 -5.54
N ALA A 346 -23.53 -4.96 -5.61
CA ALA A 346 -24.34 -4.05 -4.78
C ALA A 346 -25.84 -4.19 -5.06
N LEU A 347 -26.22 -4.40 -6.33
CA LEU A 347 -27.60 -4.53 -6.78
C LEU A 347 -28.23 -5.87 -6.46
N PHE A 348 -27.43 -6.95 -6.53
CA PHE A 348 -27.92 -8.31 -6.34
C PHE A 348 -27.62 -8.93 -4.99
N TYR A 349 -26.52 -8.48 -4.34
CA TYR A 349 -26.10 -9.01 -3.03
C TYR A 349 -25.77 -7.84 -2.08
N PRO A 350 -26.70 -6.90 -1.80
CA PRO A 350 -26.37 -5.80 -0.87
C PRO A 350 -25.96 -6.27 0.53
N GLU A 351 -26.42 -7.47 0.93
CA GLU A 351 -26.12 -8.07 2.24
C GLU A 351 -24.65 -8.40 2.39
N ARG A 352 -23.98 -8.69 1.27
CA ARG A 352 -22.57 -9.12 1.22
C ARG A 352 -21.62 -8.00 0.91
N VAL A 353 -22.17 -6.82 0.60
CA VAL A 353 -21.38 -5.65 0.19
C VAL A 353 -21.50 -4.57 1.27
N ARG A 354 -20.40 -4.39 2.02
CA ARG A 354 -20.29 -3.39 3.09
C ARG A 354 -20.39 -1.95 2.51
N ALA A 355 -19.76 -1.74 1.36
CA ALA A 355 -19.72 -0.48 0.61
C ALA A 355 -19.22 -0.82 -0.78
N VAL A 356 -19.58 -0.01 -1.76
CA VAL A 356 -19.20 -0.22 -3.14
C VAL A 356 -18.53 1.04 -3.71
N ALA A 357 -17.37 0.86 -4.38
CA ALA A 357 -16.69 1.96 -5.07
C ALA A 357 -16.23 1.54 -6.47
N SER A 358 -16.35 2.46 -7.44
CA SER A 358 -15.90 2.21 -8.80
C SER A 358 -14.99 3.31 -9.31
N LEU A 359 -13.95 2.90 -10.01
CA LEU A 359 -13.04 3.80 -10.68
C LEU A 359 -13.39 3.69 -12.14
N ASN A 360 -13.72 4.85 -12.75
CA ASN A 360 -14.03 5.06 -14.17
C ASN A 360 -15.35 4.48 -14.63
N THR A 361 -15.68 3.23 -14.20
CA THR A 361 -16.92 2.56 -14.60
C THR A 361 -18.15 3.15 -13.95
N PRO A 362 -19.04 3.78 -14.73
CA PRO A 362 -20.26 4.31 -14.14
C PRO A 362 -21.31 3.21 -14.02
N PHE A 363 -22.40 3.52 -13.31
CA PHE A 363 -23.53 2.62 -13.23
C PHE A 363 -24.57 3.12 -14.21
N ILE A 364 -24.83 2.33 -15.27
CA ILE A 364 -25.86 2.64 -16.26
C ILE A 364 -26.88 1.53 -16.26
N PRO A 365 -28.12 1.86 -15.90
CA PRO A 365 -29.17 0.84 -15.87
C PRO A 365 -29.49 0.43 -17.28
N ALA A 366 -29.72 -0.87 -17.46
CA ALA A 366 -30.07 -1.50 -18.71
C ALA A 366 -31.29 -0.83 -19.32
N ASN A 367 -31.24 -0.63 -20.64
CA ASN A 367 -32.37 -0.09 -21.36
C ASN A 367 -33.23 -1.28 -21.76
N PRO A 368 -34.41 -1.49 -21.14
CA PRO A 368 -35.25 -2.66 -21.50
C PRO A 368 -35.84 -2.59 -22.91
N ASN A 369 -35.82 -1.41 -23.55
CA ASN A 369 -36.40 -1.18 -24.88
C ASN A 369 -35.34 -1.10 -25.97
N MET A 370 -34.15 -1.63 -25.69
CA MET A 370 -33.07 -1.57 -26.66
C MET A 370 -32.07 -2.67 -26.41
N SER A 371 -31.69 -3.36 -27.50
CA SER A 371 -30.70 -4.43 -27.48
C SER A 371 -29.37 -3.81 -27.04
N PRO A 372 -28.64 -4.49 -26.12
CA PRO A 372 -27.35 -3.95 -25.63
C PRO A 372 -26.36 -3.72 -26.77
N LEU A 373 -26.48 -4.51 -27.86
CA LEU A 373 -25.67 -4.39 -29.06
C LEU A 373 -25.97 -3.10 -29.82
N GLU A 374 -27.26 -2.70 -29.90
CA GLU A 374 -27.67 -1.44 -30.54
C GLU A 374 -27.03 -0.30 -29.74
N SER A 375 -27.16 -0.40 -28.39
CA SER A 375 -26.66 0.54 -27.38
C SER A 375 -25.17 0.80 -27.54
N ILE A 376 -24.36 -0.27 -27.73
CA ILE A 376 -22.91 -0.14 -27.95
C ILE A 376 -22.59 0.55 -29.25
N LYS A 377 -23.34 0.22 -30.31
CA LYS A 377 -23.16 0.82 -31.64
C LYS A 377 -23.39 2.33 -31.66
N ALA A 378 -24.29 2.85 -30.79
CA ALA A 378 -24.64 4.28 -30.63
C ALA A 378 -23.43 5.14 -30.22
N ASN A 379 -22.39 4.49 -29.68
CA ASN A 379 -21.21 5.20 -29.22
C ASN A 379 -19.89 4.79 -29.95
N PRO A 380 -19.34 5.68 -30.84
CA PRO A 380 -18.09 5.40 -31.58
C PRO A 380 -16.88 4.95 -30.75
N VAL A 381 -16.84 5.31 -29.45
CA VAL A 381 -15.75 4.96 -28.52
C VAL A 381 -15.78 3.49 -28.05
N PHE A 382 -16.93 2.82 -28.24
CA PHE A 382 -17.15 1.44 -27.85
C PHE A 382 -16.99 0.45 -29.01
N ASP A 383 -16.53 0.95 -30.18
CA ASP A 383 -16.29 0.12 -31.38
C ASP A 383 -15.33 -1.06 -31.07
N TYR A 384 -14.34 -0.83 -30.17
CA TYR A 384 -13.39 -1.85 -29.72
C TYR A 384 -14.09 -3.06 -29.11
N GLN A 385 -15.25 -2.83 -28.46
CA GLN A 385 -16.06 -3.90 -27.87
C GLN A 385 -16.65 -4.83 -28.93
N LEU A 386 -16.96 -4.28 -30.13
CA LEU A 386 -17.49 -5.04 -31.28
C LEU A 386 -16.39 -5.88 -31.89
N TYR A 387 -15.15 -5.33 -31.93
CA TYR A 387 -13.97 -6.03 -32.39
C TYR A 387 -13.69 -7.28 -31.54
N PHE A 388 -14.06 -7.20 -30.24
CA PHE A 388 -13.89 -8.26 -29.24
C PHE A 388 -14.94 -9.35 -29.32
N GLN A 389 -16.00 -9.15 -30.10
CA GLN A 389 -17.11 -10.10 -30.16
C GLN A 389 -16.81 -11.43 -30.78
N GLU A 390 -16.10 -11.42 -31.93
CA GLU A 390 -15.78 -12.63 -32.66
C GLU A 390 -14.71 -13.50 -31.97
N PRO A 391 -15.09 -14.71 -31.49
CA PRO A 391 -14.09 -15.57 -30.82
C PRO A 391 -12.86 -15.84 -31.70
N GLY A 392 -11.67 -15.56 -31.15
CA GLY A 392 -10.38 -15.80 -31.81
C GLY A 392 -9.67 -14.60 -32.40
N VAL A 393 -10.41 -13.63 -32.98
CA VAL A 393 -9.81 -12.45 -33.64
C VAL A 393 -8.96 -11.58 -32.71
N ALA A 394 -9.57 -11.05 -31.62
CA ALA A 394 -8.84 -10.21 -30.68
C ALA A 394 -7.78 -11.04 -29.94
N GLU A 395 -8.05 -12.35 -29.63
CA GLU A 395 -7.07 -13.26 -28.98
C GLU A 395 -5.78 -13.31 -29.81
N ALA A 396 -5.90 -13.55 -31.14
CA ALA A 396 -4.79 -13.63 -32.09
C ALA A 396 -3.90 -12.38 -32.06
N GLU A 397 -4.50 -11.18 -32.19
CA GLU A 397 -3.79 -9.91 -32.14
C GLU A 397 -3.13 -9.65 -30.77
N LEU A 398 -3.89 -9.87 -29.68
CA LEU A 398 -3.43 -9.61 -28.32
C LEU A 398 -2.37 -10.59 -27.84
N GLU A 399 -2.49 -11.89 -28.18
CA GLU A 399 -1.52 -12.94 -27.80
C GLU A 399 -0.29 -12.99 -28.71
N GLN A 400 -0.33 -12.24 -29.82
CA GLN A 400 0.73 -12.21 -30.83
C GLN A 400 2.11 -11.84 -30.28
N ASN A 401 2.16 -10.74 -29.53
CA ASN A 401 3.37 -10.26 -28.89
C ASN A 401 2.87 -9.58 -27.62
N LEU A 402 2.96 -10.29 -26.48
CA LEU A 402 2.54 -9.88 -25.15
C LEU A 402 3.14 -8.55 -24.72
N SER A 403 4.47 -8.39 -24.85
CA SER A 403 5.21 -7.17 -24.51
C SER A 403 4.66 -5.94 -25.26
N ARG A 404 4.43 -6.07 -26.58
CA ARG A 404 3.89 -5.01 -27.41
C ARG A 404 2.47 -4.67 -26.94
N THR A 405 1.62 -5.71 -26.72
CA THR A 405 0.26 -5.56 -26.21
C THR A 405 0.15 -4.65 -24.98
N PHE A 406 0.91 -4.95 -23.91
CA PHE A 406 0.85 -4.19 -22.66
C PHE A 406 1.50 -2.84 -22.72
N LYS A 407 2.62 -2.74 -23.46
CA LYS A 407 3.30 -1.46 -23.66
C LYS A 407 2.44 -0.51 -24.48
N SER A 408 1.68 -1.04 -25.45
CA SER A 408 0.75 -0.29 -26.30
C SER A 408 -0.45 0.19 -25.49
N LEU A 409 -1.04 -0.71 -24.65
CA LEU A 409 -2.21 -0.39 -23.83
C LEU A 409 -1.91 0.50 -22.64
N PHE A 410 -0.93 0.10 -21.80
CA PHE A 410 -0.65 0.80 -20.55
C PHE A 410 0.13 2.09 -20.75
N ARG A 411 -0.59 3.17 -21.09
CA ARG A 411 0.05 4.47 -21.32
C ARG A 411 -0.78 5.59 -20.71
N ALA A 412 -0.11 6.70 -20.34
CA ALA A 412 -0.79 7.90 -19.81
C ALA A 412 -1.60 8.55 -20.97
N SER A 413 -2.54 9.46 -20.64
CA SER A 413 -3.42 10.12 -21.62
C SER A 413 -2.69 10.89 -22.75
N ASP A 414 -1.52 11.46 -22.43
CA ASP A 414 -0.64 12.24 -23.32
C ASP A 414 0.44 11.33 -23.95
N GLU A 415 0.17 10.02 -24.03
CA GLU A 415 1.11 9.03 -24.55
C GLU A 415 0.45 8.08 -25.50
N SER A 416 -0.84 8.30 -25.79
CA SER A 416 -1.63 7.45 -26.66
C SER A 416 -1.00 7.11 -27.99
N VAL A 417 -1.14 5.83 -28.34
CA VAL A 417 -0.56 5.22 -29.51
C VAL A 417 -1.64 4.45 -30.27
N LEU A 418 -2.79 4.25 -29.60
CA LEU A 418 -3.95 3.54 -30.10
C LEU A 418 -5.07 4.47 -30.40
N SER A 419 -5.64 4.32 -31.61
CA SER A 419 -6.79 5.08 -32.05
C SER A 419 -7.96 4.76 -31.14
N MET A 420 -8.43 3.48 -31.18
CA MET A 420 -9.57 2.92 -30.43
C MET A 420 -10.91 3.24 -31.09
N HIS A 421 -10.92 4.02 -32.15
CA HIS A 421 -12.13 4.35 -32.89
C HIS A 421 -11.94 3.79 -34.30
N LYS A 422 -13.01 3.19 -34.90
CA LYS A 422 -12.95 2.53 -36.20
C LYS A 422 -11.81 1.49 -36.12
N VAL A 423 -11.88 0.63 -35.10
CA VAL A 423 -10.91 -0.44 -34.85
C VAL A 423 -11.25 -1.64 -35.71
N CYS A 424 -12.56 -1.94 -35.86
CA CYS A 424 -13.08 -3.02 -36.69
C CYS A 424 -12.64 -2.80 -38.14
N GLU A 425 -12.93 -1.59 -38.70
CA GLU A 425 -12.57 -1.19 -40.06
C GLU A 425 -11.05 -1.15 -40.30
N ALA A 426 -10.27 -0.79 -39.25
CA ALA A 426 -8.81 -0.77 -39.29
C ALA A 426 -8.29 -2.22 -39.24
N GLY A 427 -9.11 -3.11 -38.66
CA GLY A 427 -8.85 -4.54 -38.54
C GLY A 427 -8.03 -4.95 -37.34
N GLY A 428 -8.00 -4.10 -36.32
CA GLY A 428 -7.26 -4.37 -35.10
C GLY A 428 -7.04 -3.15 -34.24
N LEU A 429 -6.53 -3.40 -33.04
CA LEU A 429 -6.21 -2.35 -32.08
C LEU A 429 -4.86 -1.74 -32.35
N PHE A 430 -3.91 -2.55 -32.88
CA PHE A 430 -2.49 -2.22 -33.08
C PHE A 430 -2.02 -2.03 -34.53
N VAL A 431 -2.95 -1.78 -35.44
CA VAL A 431 -2.65 -1.57 -36.87
C VAL A 431 -1.89 -0.26 -37.16
N ASN A 432 -1.93 0.68 -36.22
CA ASN A 432 -1.30 1.99 -36.31
C ASN A 432 -0.21 2.10 -35.29
N SER A 433 -0.07 1.05 -34.51
CA SER A 433 0.85 1.03 -33.41
C SER A 433 2.22 0.51 -33.84
N PRO A 434 3.29 1.09 -33.23
CA PRO A 434 4.65 0.60 -33.51
C PRO A 434 4.79 -0.85 -33.05
N GLU A 435 5.73 -1.56 -33.69
CA GLU A 435 6.06 -2.94 -33.33
C GLU A 435 6.74 -2.97 -32.00
N GLU A 436 7.56 -1.95 -31.78
CA GLU A 436 8.31 -1.75 -30.57
C GLU A 436 7.94 -0.43 -29.91
N PRO A 437 6.77 -0.38 -29.23
CA PRO A 437 6.37 0.86 -28.55
C PRO A 437 7.34 1.25 -27.45
N SER A 438 7.47 2.57 -27.21
CA SER A 438 8.30 3.10 -26.14
C SER A 438 7.63 2.75 -24.80
N LEU A 439 8.43 2.81 -23.74
CA LEU A 439 7.96 2.50 -22.40
C LEU A 439 7.32 3.75 -21.81
N SER A 440 6.02 3.65 -21.47
CA SER A 440 5.28 4.74 -20.85
C SER A 440 5.94 5.08 -19.50
N ARG A 441 5.91 6.37 -19.10
CA ARG A 441 6.46 6.86 -17.83
C ARG A 441 5.69 6.28 -16.62
N MET A 442 4.52 5.71 -16.89
CA MET A 442 3.63 5.07 -15.93
C MET A 442 4.21 3.75 -15.43
N VAL A 443 4.94 3.01 -16.30
CA VAL A 443 5.43 1.67 -15.98
C VAL A 443 6.92 1.43 -16.21
N THR A 444 7.49 0.47 -15.46
CA THR A 444 8.87 0.05 -15.67
C THR A 444 8.79 -1.14 -16.62
N GLU A 445 9.93 -1.51 -17.21
CA GLU A 445 10.06 -2.67 -18.08
C GLU A 445 9.70 -3.95 -17.31
N GLU A 446 10.10 -4.02 -16.03
CA GLU A 446 9.86 -5.12 -15.09
C GLU A 446 8.36 -5.34 -14.82
N GLU A 447 7.61 -4.24 -14.62
CA GLU A 447 6.18 -4.27 -14.41
C GLU A 447 5.45 -4.80 -15.65
N ILE A 448 5.92 -4.42 -16.87
CA ILE A 448 5.37 -4.94 -18.12
C ILE A 448 5.57 -6.45 -18.16
N GLN A 449 6.82 -6.90 -17.88
CA GLN A 449 7.22 -8.31 -17.87
C GLN A 449 6.41 -9.17 -16.93
N PHE A 450 5.95 -8.59 -15.80
CA PHE A 450 5.06 -9.30 -14.86
C PHE A 450 3.74 -9.63 -15.53
N TYR A 451 3.13 -8.66 -16.25
CA TYR A 451 1.86 -8.86 -16.98
C TYR A 451 2.05 -9.87 -18.10
N VAL A 452 3.18 -9.78 -18.85
CA VAL A 452 3.57 -10.71 -19.92
C VAL A 452 3.56 -12.15 -19.36
N GLN A 453 4.30 -12.41 -18.25
CA GLN A 453 4.39 -13.70 -17.58
C GLN A 453 3.02 -14.22 -17.13
N GLN A 454 2.16 -13.34 -16.55
CA GLN A 454 0.81 -13.72 -16.10
C GLN A 454 -0.04 -14.19 -17.27
N PHE A 455 -0.04 -13.42 -18.37
CA PHE A 455 -0.82 -13.70 -19.56
C PHE A 455 -0.35 -14.90 -20.41
N LYS A 456 0.86 -15.43 -20.13
CA LYS A 456 1.40 -16.62 -20.81
C LYS A 456 0.63 -17.87 -20.40
N LYS A 457 0.07 -17.90 -19.17
CA LYS A 457 -0.70 -19.05 -18.70
C LYS A 457 -2.00 -19.29 -19.47
N SER A 458 -2.90 -18.30 -19.52
CA SER A 458 -4.20 -18.52 -20.14
C SER A 458 -4.51 -17.67 -21.37
N GLY A 459 -3.72 -16.62 -21.58
CA GLY A 459 -3.93 -15.70 -22.67
C GLY A 459 -5.15 -14.84 -22.49
N PHE A 460 -5.80 -14.52 -23.63
CA PHE A 460 -6.90 -13.57 -23.74
C PHE A 460 -8.29 -14.09 -23.92
N ARG A 461 -8.49 -15.42 -24.06
CA ARG A 461 -9.83 -15.97 -24.25
C ARG A 461 -10.83 -15.65 -23.12
N GLY A 462 -10.48 -16.04 -21.89
CA GLY A 462 -11.26 -15.81 -20.68
C GLY A 462 -11.47 -14.34 -20.41
N PRO A 463 -10.39 -13.51 -20.39
CA PRO A 463 -10.55 -12.04 -20.28
C PRO A 463 -11.50 -11.43 -21.31
N LEU A 464 -11.35 -11.79 -22.62
CA LEU A 464 -12.19 -11.28 -23.71
C LEU A 464 -13.62 -11.74 -23.60
N ASN A 465 -13.84 -12.92 -22.99
CA ASN A 465 -15.18 -13.47 -22.75
C ASN A 465 -16.05 -12.60 -21.85
N TRP A 466 -15.45 -11.69 -21.04
CA TRP A 466 -16.19 -10.74 -20.20
C TRP A 466 -17.07 -9.81 -21.06
N TYR A 467 -16.62 -9.47 -22.30
CA TYR A 467 -17.32 -8.61 -23.28
C TYR A 467 -18.28 -9.40 -24.14
N ARG A 468 -18.25 -10.74 -24.04
CA ARG A 468 -19.05 -11.62 -24.88
C ARG A 468 -20.38 -12.09 -24.28
N ASN A 469 -20.88 -11.39 -23.25
CA ASN A 469 -22.14 -11.76 -22.60
C ASN A 469 -23.15 -10.62 -22.51
N MET A 470 -23.11 -9.70 -23.48
CA MET A 470 -23.98 -8.51 -23.54
C MET A 470 -25.44 -8.79 -23.34
N GLU A 471 -25.99 -9.75 -24.10
CA GLU A 471 -27.39 -10.16 -24.06
C GLU A 471 -27.77 -10.80 -22.75
N ARG A 472 -26.92 -11.69 -22.23
CA ARG A 472 -27.20 -12.37 -20.98
C ARG A 472 -27.19 -11.40 -19.81
N ASN A 473 -26.17 -10.51 -19.77
CA ASN A 473 -26.00 -9.48 -18.73
C ASN A 473 -27.17 -8.53 -18.75
N TRP A 474 -27.63 -8.13 -19.96
CA TRP A 474 -28.76 -7.23 -20.17
C TRP A 474 -30.05 -7.81 -19.57
N LYS A 475 -30.37 -9.08 -19.88
CA LYS A 475 -31.54 -9.79 -19.37
C LYS A 475 -31.51 -9.91 -17.84
N TRP A 476 -30.32 -10.18 -17.26
CA TRP A 476 -30.13 -10.28 -15.83
C TRP A 476 -30.33 -8.93 -15.19
N ALA A 477 -29.70 -7.88 -15.75
CA ALA A 477 -29.74 -6.50 -15.27
C ALA A 477 -31.16 -5.92 -15.23
N CYS A 478 -32.01 -6.31 -16.23
CA CYS A 478 -33.40 -5.90 -16.35
C CYS A 478 -34.27 -6.26 -15.13
N LYS A 479 -33.85 -7.30 -14.37
CA LYS A 479 -34.53 -7.74 -13.14
C LYS A 479 -34.31 -6.75 -11.99
N SER A 480 -33.25 -5.93 -12.09
CA SER A 480 -32.91 -4.94 -11.07
C SER A 480 -33.42 -3.52 -11.42
N LEU A 481 -34.20 -3.37 -12.52
CA LEU A 481 -34.71 -2.07 -12.95
C LEU A 481 -35.58 -1.28 -11.96
N GLY A 482 -36.18 -1.97 -11.00
CA GLY A 482 -36.99 -1.36 -9.95
C GLY A 482 -36.23 -1.04 -8.67
N ARG A 483 -34.97 -1.53 -8.56
CA ARG A 483 -34.13 -1.33 -7.37
C ARG A 483 -33.33 -0.06 -7.40
N LYS A 484 -32.85 0.35 -6.24
CA LYS A 484 -31.93 1.47 -6.09
C LYS A 484 -30.73 0.96 -5.29
N ILE A 485 -29.58 1.64 -5.41
CA ILE A 485 -28.41 1.30 -4.63
C ILE A 485 -28.42 2.27 -3.47
N LEU A 486 -28.62 1.71 -2.27
CA LEU A 486 -28.81 2.47 -1.05
C LEU A 486 -27.78 2.21 0.02
N ILE A 487 -26.79 1.38 -0.32
CA ILE A 487 -25.66 1.10 0.55
C ILE A 487 -24.60 2.19 0.24
N PRO A 488 -23.59 2.43 1.11
CA PRO A 488 -22.58 3.46 0.82
C PRO A 488 -21.88 3.19 -0.51
N ALA A 489 -21.81 4.21 -1.38
CA ALA A 489 -21.27 4.10 -2.73
C ALA A 489 -20.40 5.30 -3.10
N LEU A 490 -19.31 5.01 -3.83
CA LEU A 490 -18.37 6.02 -4.32
C LEU A 490 -18.13 5.86 -5.81
N MET A 491 -18.25 6.97 -6.57
CA MET A 491 -17.96 6.96 -7.98
C MET A 491 -16.77 7.85 -8.24
N VAL A 492 -15.67 7.26 -8.76
CA VAL A 492 -14.46 8.03 -9.07
C VAL A 492 -14.30 8.16 -10.58
N THR A 493 -14.31 9.40 -11.07
CA THR A 493 -14.16 9.67 -12.50
C THR A 493 -12.73 10.10 -12.84
N ALA A 494 -12.27 9.75 -14.05
CA ALA A 494 -10.95 10.06 -14.58
C ALA A 494 -11.16 11.02 -15.77
N GLU A 495 -10.75 12.30 -15.61
CA GLU A 495 -10.92 13.38 -16.59
C GLU A 495 -10.62 12.95 -18.03
N LYS A 496 -9.44 12.33 -18.22
CA LYS A 496 -8.97 11.91 -19.54
C LYS A 496 -9.21 10.46 -19.94
N ASP A 497 -10.21 9.81 -19.32
CA ASP A 497 -10.53 8.46 -19.79
C ASP A 497 -11.46 8.72 -20.98
N PHE A 498 -10.95 8.52 -22.21
CA PHE A 498 -11.72 8.79 -23.42
C PHE A 498 -12.74 7.74 -23.82
N VAL A 499 -12.83 6.64 -23.04
CA VAL A 499 -13.81 5.57 -23.26
C VAL A 499 -14.86 5.63 -22.13
N LEU A 500 -14.39 5.66 -20.87
CA LEU A 500 -15.29 5.77 -19.72
C LEU A 500 -15.19 7.20 -19.26
N VAL A 501 -15.79 8.09 -20.07
CA VAL A 501 -15.80 9.52 -19.83
C VAL A 501 -16.59 9.87 -18.54
N PRO A 502 -16.08 10.84 -17.72
CA PRO A 502 -16.80 11.26 -16.51
C PRO A 502 -18.29 11.55 -16.71
N GLN A 503 -18.62 12.17 -17.86
CA GLN A 503 -19.95 12.56 -18.30
C GLN A 503 -20.95 11.40 -18.33
N MET A 504 -20.49 10.19 -18.69
CA MET A 504 -21.33 8.97 -18.72
C MET A 504 -21.91 8.63 -17.34
N SER A 505 -21.31 9.17 -16.25
CA SER A 505 -21.71 8.93 -14.86
C SER A 505 -22.70 9.96 -14.29
N GLN A 506 -22.99 11.05 -15.03
CA GLN A 506 -23.85 12.16 -14.61
C GLN A 506 -25.26 11.84 -14.08
N HIS A 507 -25.90 10.76 -14.54
CA HIS A 507 -27.25 10.41 -14.08
C HIS A 507 -27.28 9.40 -12.94
N MET A 508 -26.10 9.01 -12.42
CA MET A 508 -25.98 8.01 -11.36
C MET A 508 -26.78 8.31 -10.11
N GLU A 509 -26.85 9.59 -9.69
CA GLU A 509 -27.63 10.02 -8.52
C GLU A 509 -29.11 9.62 -8.59
N ASP A 510 -29.64 9.37 -9.80
CA ASP A 510 -31.00 8.91 -9.98
C ASP A 510 -31.26 7.49 -9.45
N TRP A 511 -30.19 6.66 -9.42
N TRP A 511 -30.17 6.66 -9.44
CA TRP A 511 -30.27 5.28 -8.93
CA TRP A 511 -30.15 5.26 -9.00
C TRP A 511 -29.46 5.03 -7.66
C TRP A 511 -29.48 5.07 -7.65
N ILE A 512 -28.53 5.96 -7.31
CA ILE A 512 -27.75 5.91 -6.08
C ILE A 512 -27.87 7.35 -5.51
N PRO A 513 -29.00 7.68 -4.83
CA PRO A 513 -29.19 9.06 -4.32
C PRO A 513 -28.14 9.57 -3.34
N HIS A 514 -27.57 8.68 -2.51
CA HIS A 514 -26.56 9.04 -1.50
C HIS A 514 -25.12 8.91 -2.00
N LEU A 515 -24.94 8.69 -3.32
CA LEU A 515 -23.65 8.53 -3.97
C LEU A 515 -22.65 9.63 -3.62
N LYS A 516 -21.44 9.22 -3.30
CA LYS A 516 -20.32 10.12 -3.04
C LYS A 516 -19.43 10.06 -4.26
N ARG A 517 -18.67 11.13 -4.48
CA ARG A 517 -17.83 11.20 -5.67
C ARG A 517 -16.42 11.59 -5.40
N GLY A 518 -15.59 11.21 -6.35
CA GLY A 518 -14.18 11.55 -6.47
C GLY A 518 -13.92 11.88 -7.93
N HIS A 519 -12.96 12.77 -8.18
CA HIS A 519 -12.62 13.13 -9.55
C HIS A 519 -11.14 13.32 -9.62
N ILE A 520 -10.53 12.72 -10.65
CA ILE A 520 -9.10 12.80 -10.82
C ILE A 520 -8.79 13.47 -12.14
N GLU A 521 -8.16 14.63 -12.04
CA GLU A 521 -7.77 15.40 -13.20
C GLU A 521 -6.52 14.84 -13.79
N ASP A 522 -6.40 14.97 -15.12
CA ASP A 522 -5.27 14.53 -15.91
C ASP A 522 -5.01 13.03 -15.77
N CYS A 523 -6.09 12.26 -15.62
CA CYS A 523 -6.00 10.81 -15.42
C CYS A 523 -6.59 10.08 -16.60
N GLY A 524 -5.81 9.17 -17.16
CA GLY A 524 -6.24 8.32 -18.27
C GLY A 524 -7.11 7.17 -17.77
N HIS A 525 -7.23 6.11 -18.58
CA HIS A 525 -8.04 4.94 -18.25
C HIS A 525 -7.45 4.02 -17.16
N TRP A 526 -6.11 3.89 -17.10
CA TRP A 526 -5.37 3.03 -16.15
C TRP A 526 -5.15 3.80 -14.87
N THR A 527 -6.25 4.23 -14.25
CA THR A 527 -6.35 5.06 -13.05
C THR A 527 -5.37 4.79 -11.92
N GLN A 528 -5.28 3.52 -11.47
CA GLN A 528 -4.44 3.07 -10.36
C GLN A 528 -2.97 3.36 -10.51
N MET A 529 -2.40 3.17 -11.72
CA MET A 529 -0.97 3.41 -11.98
C MET A 529 -0.68 4.80 -12.54
N ASP A 530 -1.71 5.43 -13.14
CA ASP A 530 -1.62 6.79 -13.68
C ASP A 530 -1.57 7.78 -12.52
N LYS A 531 -2.54 7.65 -11.59
CA LYS A 531 -2.67 8.52 -10.44
C LYS A 531 -2.71 7.77 -9.10
N PRO A 532 -1.66 6.98 -8.72
CA PRO A 532 -1.74 6.21 -7.45
C PRO A 532 -2.00 7.01 -6.17
N THR A 533 -1.29 8.12 -5.96
CA THR A 533 -1.41 8.98 -4.77
C THR A 533 -2.85 9.52 -4.58
N GLU A 534 -3.47 9.99 -5.67
CA GLU A 534 -4.81 10.57 -5.68
C GLU A 534 -5.86 9.52 -5.43
N VAL A 535 -5.73 8.36 -6.11
CA VAL A 535 -6.58 7.16 -5.94
C VAL A 535 -6.55 6.77 -4.46
N ASN A 536 -5.34 6.65 -3.87
CA ASN A 536 -5.18 6.26 -2.46
C ASN A 536 -5.83 7.23 -1.48
N GLN A 537 -5.61 8.55 -1.69
CA GLN A 537 -6.18 9.61 -0.86
C GLN A 537 -7.72 9.55 -0.90
N ILE A 538 -8.31 9.45 -2.10
CA ILE A 538 -9.76 9.37 -2.31
C ILE A 538 -10.38 8.11 -1.65
N LEU A 539 -9.77 6.94 -1.90
CA LEU A 539 -10.24 5.68 -1.36
C LEU A 539 -10.17 5.61 0.15
N ILE A 540 -8.98 5.95 0.75
CA ILE A 540 -8.79 5.94 2.21
C ILE A 540 -9.76 6.87 2.93
N LYS A 541 -9.95 8.08 2.40
CA LYS A 541 -10.85 9.07 2.98
C LYS A 541 -12.30 8.57 2.97
N TRP A 542 -12.75 8.02 1.83
CA TRP A 542 -14.09 7.43 1.66
C TRP A 542 -14.26 6.21 2.56
N LEU A 543 -13.24 5.33 2.64
CA LEU A 543 -13.24 4.13 3.50
C LEU A 543 -13.42 4.48 4.99
N ASP A 544 -12.60 5.43 5.51
CA ASP A 544 -12.65 5.87 6.92
C ASP A 544 -13.96 6.55 7.30
N SER A 545 -14.59 7.24 6.35
CA SER A 545 -15.85 7.94 6.61
C SER A 545 -17.11 7.10 6.39
N ASP A 546 -17.11 6.22 5.37
CA ASP A 546 -18.29 5.44 4.94
C ASP A 546 -18.26 3.91 5.09
N ALA A 547 -17.10 3.33 5.38
CA ALA A 547 -17.00 1.88 5.47
C ALA A 547 -16.11 1.48 6.62
N ARG A 548 -16.46 1.84 7.87
CA ARG A 548 -15.79 1.54 9.17
C ARG A 548 -14.25 1.48 9.11
S SO4 B . 7.26 3.88 -12.74
O1 SO4 B . 7.83 4.31 -14.01
O2 SO4 B . 6.07 4.70 -12.41
O3 SO4 B . 6.86 2.47 -12.83
O4 SO4 B . 8.27 4.02 -11.67
S DMS C . -16.67 -2.31 -19.26
O DMS C . -16.07 -1.60 -18.18
C1 DMS C . -17.15 -1.13 -20.56
C2 DMS C . -18.32 -2.77 -18.77
C1 DUL D . -8.97 -2.17 -24.37
C2 DUL D . -8.36 -2.14 -23.05
S3 DUL D . -9.53 -1.34 -22.00
C4 DUL D . -9.42 0.51 -22.29
C5 DUL D . -10.49 1.51 -22.08
C6 DUL D . -10.30 2.95 -22.32
C7 DUL D . -9.08 3.47 -22.82
C8 DUL D . -7.97 2.56 -22.99
C9 DUL D . -8.20 1.09 -22.74
C10 DUL D . -6.69 2.91 -23.58
C11 DUL D . -5.74 2.03 -23.65
C12 DUL D . -4.69 2.35 -24.25
C13 DUL D . -4.68 3.54 -24.78
S14 DUL D . -6.25 4.33 -24.46
C15 DUL D . -3.40 3.88 -25.47
O16 DUL D . -2.29 3.64 -25.02
N17 DUL D . -3.45 4.51 -26.63
S DMS E . -24.42 -23.14 0.31
O DMS E . -23.50 -24.24 0.08
C1 DMS E . -26.09 -23.73 0.15
C2 DMS E . -24.35 -22.10 -1.11
#